data_6CO6
#
_entry.id   6CO6
#
_cell.length_a   68.910
_cell.length_b   68.910
_cell.length_c   241.370
_cell.angle_alpha   90.000
_cell.angle_beta   90.000
_cell.angle_gamma   90.000
#
_symmetry.space_group_name_H-M   'P 43 21 2'
#
loop_
_entity.id
_entity.type
_entity.pdbx_description
1 polymer 'Probable CoA-transferase alpha subunit'
2 polymer 'Probable CoA-transferase beta subunit'
3 non-polymer 'SULFATE ION'
4 non-polymer GLYCEROL
5 water water
#
loop_
_entity_poly.entity_id
_entity_poly.type
_entity_poly.pdbx_seq_one_letter_code
_entity_poly.pdbx_strand_id
1 'polypeptide(L)'
;MHHHHHHLVPRGSVSKRDKRISLDDAVGELRSGMTIGIGGWGSRRKPMALVRALLRSDVTDLTVVTYGGPDLGLLCSAGK
VTKAYYGFVSLDSAPFYDPWFAKARTAGEIAVREMDEGMVKCGLEAAAARLPFLPIRAGLGSDVRRFWGDELRTVTSPYP
DASGKSETLIAMPALNLDAALVHLNLGDKHGNAAYTGVDPYFDDLYCAAAEKRFVSVERVVETEELVKTVPLQNLILNRM
MVDGVVEAPNGAHFTLAGDSYGRDEKFQRHYAESAKTPQAWQQFVATYLSGSEDDYQAAVKKFAEEQA
;
A
2 'polypeptide(L)'
;MSETITEVTRAEYCAIACADIFSGAGEIMASPMATLPLIGARLARLTTEPDLLITDGEALIFADTPAVGAKAPIEGWMPF
RKVFDVVASGRRHVVMGANQIDRHGNQNLSAFGPLQQPTRQMFGVRGAPGNTINHPTSYWVGKHTSRVFCDTVDIVSGVG
YDQIDPENPAYRFHHLHRVVSNLGVFDFGGPDHTFRALSLHPGVTADQVADNTSFEVAGLADAGVTREPTDEELRLIREV
LDPRSLRDREVSV
;
B
#
loop_
_chem_comp.id
_chem_comp.type
_chem_comp.name
_chem_comp.formula
GOL non-polymer GLYCEROL 'C3 H8 O3'
SO4 non-polymer 'SULFATE ION' 'O4 S -2'
#
# COMPACT_ATOMS: atom_id res chain seq x y z
N VAL A 14 10.18 20.77 40.95
CA VAL A 14 10.02 21.14 39.55
C VAL A 14 9.57 19.91 38.76
N SER A 15 8.81 20.11 37.68
CA SER A 15 8.17 19.02 36.98
C SER A 15 8.28 19.21 35.47
N LYS A 16 8.34 18.09 34.76
CA LYS A 16 8.19 18.12 33.31
C LYS A 16 6.77 18.54 32.96
N ARG A 17 6.66 19.15 31.80
CA ARG A 17 5.35 19.60 31.35
CA ARG A 17 5.31 19.54 31.30
C ARG A 17 4.24 18.39 31.18
N ASP A 18 3.12 18.66 31.83
CA ASP A 18 1.98 17.75 31.74
C ASP A 18 1.21 18.11 30.47
N LYS A 19 1.29 17.24 29.46
CA LYS A 19 0.76 17.52 28.14
C LYS A 19 -0.63 16.92 27.92
N ARG A 20 -1.25 16.36 28.97
CA ARG A 20 -2.56 15.76 28.82
C ARG A 20 -3.60 16.81 28.45
N ILE A 21 -4.32 16.55 27.36
CA ILE A 21 -5.38 17.42 26.87
C ILE A 21 -6.51 16.57 26.34
N SER A 22 -7.65 17.20 26.10
CA SER A 22 -8.80 16.51 25.54
C SER A 22 -8.71 16.45 24.01
N LEU A 23 -9.53 15.59 23.42
CA LEU A 23 -9.62 15.52 21.96
C LEU A 23 -9.98 16.87 21.36
N ASP A 24 -10.97 17.55 21.93
CA ASP A 24 -11.37 18.86 21.42
C ASP A 24 -10.28 19.89 21.63
N ASP A 25 -9.57 19.81 22.76
CA ASP A 25 -8.44 20.70 23.01
C ASP A 25 -7.41 20.60 21.89
N ALA A 26 -7.07 19.37 21.51
CA ALA A 26 -6.04 19.16 20.49
C ALA A 26 -6.47 19.74 19.15
N VAL A 27 -7.72 19.46 18.75
CA VAL A 27 -8.23 20.02 17.50
C VAL A 27 -8.35 21.54 17.60
N GLY A 28 -8.61 22.05 18.81
CA GLY A 28 -8.59 23.49 19.05
C GLY A 28 -7.27 24.15 18.72
N GLU A 29 -6.18 23.38 18.69
CA GLU A 29 -4.88 23.90 18.27
C GLU A 29 -4.70 23.90 16.76
N LEU A 30 -5.59 23.25 16.03
CA LEU A 30 -5.47 23.18 14.58
C LEU A 30 -6.18 24.37 13.94
N ARG A 31 -5.78 24.66 12.70
CA ARG A 31 -6.31 25.80 11.95
C ARG A 31 -6.66 25.36 10.54
N SER A 32 -7.73 25.94 10.00
CA SER A 32 -8.03 25.72 8.60
C SER A 32 -6.83 26.11 7.75
N GLY A 33 -6.61 25.36 6.67
CA GLY A 33 -5.48 25.59 5.80
C GLY A 33 -4.20 24.90 6.20
N MET A 34 -4.19 24.20 7.32
CA MET A 34 -2.98 23.53 7.76
C MET A 34 -2.68 22.32 6.89
N THR A 35 -1.39 21.97 6.83
CA THR A 35 -0.96 20.68 6.34
C THR A 35 -0.85 19.73 7.52
N ILE A 36 -1.63 18.65 7.50
CA ILE A 36 -1.70 17.71 8.61
C ILE A 36 -1.31 16.33 8.11
N GLY A 37 -0.34 15.72 8.78
CA GLY A 37 -0.02 14.32 8.54
C GLY A 37 -0.81 13.46 9.52
N ILE A 38 -1.30 12.33 9.02
CA ILE A 38 -2.08 11.41 9.85
C ILE A 38 -1.39 10.05 9.84
N GLY A 39 -1.12 9.52 11.03
CA GLY A 39 -0.34 8.30 11.19
C GLY A 39 -1.10 7.03 10.84
N GLY A 40 -0.63 5.89 11.33
CA GLY A 40 -1.24 4.63 10.98
C GLY A 40 -1.00 4.31 9.51
N TRP A 41 -1.86 3.45 8.97
CA TRP A 41 -1.69 2.96 7.60
C TRP A 41 -3.00 2.34 7.17
N GLY A 42 -3.64 2.89 6.13
CA GLY A 42 -4.89 2.29 5.68
C GLY A 42 -5.89 2.21 6.82
N SER A 43 -6.41 1.02 7.06
CA SER A 43 -7.33 0.81 8.19
C SER A 43 -6.59 0.20 9.39
N ARG A 44 -5.45 0.79 9.76
CA ARG A 44 -4.61 0.25 10.81
C ARG A 44 -4.12 1.39 11.70
N ARG A 45 -4.45 1.31 13.00
CA ARG A 45 -4.06 2.26 14.05
C ARG A 45 -4.13 3.71 13.57
N LYS A 46 -5.28 4.07 13.01
CA LYS A 46 -5.55 5.46 12.67
C LYS A 46 -6.02 6.22 13.91
N PRO A 47 -5.67 7.51 14.05
CA PRO A 47 -6.15 8.29 15.20
C PRO A 47 -7.59 8.72 14.96
N MET A 48 -8.49 7.73 14.98
CA MET A 48 -9.86 7.94 14.53
C MET A 48 -10.63 8.87 15.49
N ALA A 49 -10.36 8.77 16.79
CA ALA A 49 -11.00 9.69 17.73
C ALA A 49 -10.58 11.13 17.45
N LEU A 50 -9.31 11.35 17.11
CA LEU A 50 -8.88 12.70 16.76
C LEU A 50 -9.51 13.15 15.44
N VAL A 51 -9.66 12.22 14.49
CA VAL A 51 -10.35 12.55 13.24
C VAL A 51 -11.80 12.91 13.49
N ARG A 52 -12.47 12.16 14.38
CA ARG A 52 -13.85 12.52 14.70
C ARG A 52 -13.93 13.87 15.38
N ALA A 53 -12.94 14.22 16.20
CA ALA A 53 -12.95 15.54 16.81
C ALA A 53 -12.75 16.62 15.75
N LEU A 54 -11.93 16.33 14.72
CA LEU A 54 -11.81 17.23 13.59
C LEU A 54 -13.14 17.42 12.87
N LEU A 55 -13.89 16.34 12.66
CA LEU A 55 -15.17 16.45 11.95
C LEU A 55 -16.16 17.35 12.69
N ARG A 56 -16.13 17.33 14.03
CA ARG A 56 -17.06 18.14 14.80
C ARG A 56 -16.67 19.61 14.78
N SER A 57 -15.44 19.93 14.37
CA SER A 57 -14.94 21.28 14.36
C SER A 57 -15.20 21.95 13.02
N ASP A 58 -14.85 23.22 12.91
CA ASP A 58 -14.94 23.96 11.66
C ASP A 58 -13.60 24.01 10.91
N VAL A 59 -12.62 23.21 11.31
CA VAL A 59 -11.33 23.22 10.63
C VAL A 59 -11.50 22.57 9.27
N THR A 60 -11.05 23.25 8.22
CA THR A 60 -11.29 22.79 6.86
C THR A 60 -10.13 23.28 5.98
N ASP A 61 -10.28 23.13 4.66
CA ASP A 61 -9.25 23.56 3.71
C ASP A 61 -7.90 22.89 4.01
N LEU A 62 -7.94 21.62 4.39
CA LEU A 62 -6.75 20.93 4.87
C LEU A 62 -5.96 20.33 3.71
N THR A 63 -4.64 20.34 3.86
CA THR A 63 -3.76 19.52 3.04
C THR A 63 -3.38 18.31 3.91
N VAL A 64 -3.68 17.11 3.43
CA VAL A 64 -3.53 15.90 4.23
C VAL A 64 -2.42 15.05 3.63
N VAL A 65 -1.52 14.58 4.50
CA VAL A 65 -0.43 13.68 4.11
C VAL A 65 -0.66 12.39 4.88
N THR A 66 -0.86 11.29 4.15
CA THR A 66 -1.30 10.07 4.82
C THR A 66 -1.04 8.85 3.95
N TYR A 67 -0.86 7.71 4.63
CA TYR A 67 -1.11 6.40 4.03
C TYR A 67 -2.60 6.16 4.27
N GLY A 68 -3.40 6.48 3.26
CA GLY A 68 -4.80 6.84 3.51
C GLY A 68 -5.69 5.65 3.84
N GLY A 69 -6.64 5.88 4.73
CA GLY A 69 -7.69 4.92 5.03
C GLY A 69 -8.99 5.66 5.32
N PRO A 70 -9.74 5.20 6.31
CA PRO A 70 -11.01 5.87 6.65
C PRO A 70 -10.81 7.22 7.32
N ASP A 71 -9.60 7.53 7.79
CA ASP A 71 -9.28 8.89 8.18
C ASP A 71 -9.48 9.86 7.03
N LEU A 72 -8.88 9.57 5.88
CA LEU A 72 -9.06 10.46 4.74
C LEU A 72 -10.48 10.41 4.22
N GLY A 73 -11.10 9.24 4.24
CA GLY A 73 -12.49 9.16 3.80
C GLY A 73 -13.41 10.05 4.63
N LEU A 74 -13.28 9.98 5.96
CA LEU A 74 -14.15 10.79 6.81
C LEU A 74 -13.91 12.28 6.58
N LEU A 75 -12.64 12.67 6.41
CA LEU A 75 -12.35 14.07 6.14
C LEU A 75 -12.93 14.50 4.80
N CYS A 76 -12.85 13.63 3.78
CA CYS A 76 -13.45 13.95 2.50
C CYS A 76 -14.97 14.05 2.60
N SER A 77 -15.60 13.19 3.41
CA SER A 77 -17.05 13.23 3.55
C SER A 77 -17.51 14.58 4.08
N ALA A 78 -16.65 15.28 4.82
CA ALA A 78 -16.97 16.57 5.41
C ALA A 78 -16.46 17.74 4.57
N GLY A 79 -15.93 17.47 3.37
CA GLY A 79 -15.43 18.53 2.52
C GLY A 79 -14.25 19.29 3.09
N LYS A 80 -13.50 18.65 3.99
CA LYS A 80 -12.44 19.33 4.74
C LYS A 80 -11.08 19.20 4.08
N VAL A 81 -10.99 18.52 2.93
CA VAL A 81 -9.71 18.27 2.27
C VAL A 81 -9.64 19.09 0.99
N THR A 82 -8.59 19.90 0.87
CA THR A 82 -8.30 20.61 -0.37
C THR A 82 -7.29 19.87 -1.24
N LYS A 83 -6.27 19.29 -0.61
CA LYS A 83 -5.16 18.67 -1.32
C LYS A 83 -4.69 17.48 -0.49
N ALA A 84 -4.33 16.39 -1.16
CA ALA A 84 -3.97 15.16 -0.46
C ALA A 84 -2.69 14.62 -1.06
N TYR A 85 -1.73 14.33 -0.17
CA TYR A 85 -0.49 13.63 -0.50
C TYR A 85 -0.60 12.23 0.07
N TYR A 86 -0.50 11.21 -0.77
CA TYR A 86 -0.71 9.86 -0.26
C TYR A 86 -0.03 8.85 -1.17
N GLY A 87 0.27 7.68 -0.60
CA GLY A 87 0.80 6.58 -1.38
C GLY A 87 -0.29 5.62 -1.82
N PHE A 88 -1.39 5.61 -1.08
CA PHE A 88 -2.56 4.80 -1.42
C PHE A 88 -3.69 5.30 -0.54
N VAL A 89 -4.91 4.85 -0.85
CA VAL A 89 -6.03 4.94 0.06
C VAL A 89 -6.70 3.57 0.07
N SER A 90 -6.82 2.96 1.25
CA SER A 90 -7.37 1.61 1.32
C SER A 90 -8.02 1.38 2.66
N LEU A 91 -9.12 0.62 2.66
CA LEU A 91 -9.72 0.14 3.89
C LEU A 91 -9.17 -1.22 4.30
N ASP A 92 -8.26 -1.79 3.50
CA ASP A 92 -7.53 -3.03 3.76
C ASP A 92 -8.42 -4.25 3.62
N SER A 93 -9.55 -4.25 4.30
CA SER A 93 -10.52 -5.33 4.24
C SER A 93 -11.78 -4.82 3.56
N ALA A 94 -12.74 -5.72 3.41
CA ALA A 94 -13.98 -5.41 2.70
C ALA A 94 -14.58 -4.12 3.26
N PRO A 95 -15.05 -3.19 2.41
CA PRO A 95 -15.10 -3.31 0.95
C PRO A 95 -13.90 -2.74 0.20
N PHE A 96 -12.77 -2.56 0.91
CA PHE A 96 -11.45 -2.26 0.36
C PHE A 96 -11.26 -0.81 -0.10
N TYR A 97 -12.12 -0.32 -0.98
CA TYR A 97 -12.02 1.07 -1.43
C TYR A 97 -12.83 1.96 -0.50
N ASP A 98 -12.23 3.05 -0.06
CA ASP A 98 -12.99 4.00 0.74
C ASP A 98 -13.97 4.74 -0.14
N PRO A 99 -15.27 4.68 0.15
CA PRO A 99 -16.25 5.29 -0.77
C PRO A 99 -16.24 6.80 -0.79
N TRP A 100 -15.78 7.44 0.29
CA TRP A 100 -15.76 8.90 0.34
C TRP A 100 -14.56 9.46 -0.41
N PHE A 101 -13.40 8.83 -0.29
CA PHE A 101 -12.28 9.20 -1.17
C PHE A 101 -12.68 9.03 -2.63
N ALA A 102 -13.33 7.92 -2.96
CA ALA A 102 -13.76 7.70 -4.33
C ALA A 102 -14.70 8.81 -4.80
N LYS A 103 -15.68 9.18 -3.98
CA LYS A 103 -16.60 10.25 -4.35
C LYS A 103 -15.87 11.58 -4.55
N ALA A 104 -14.95 11.91 -3.63
CA ALA A 104 -14.20 13.16 -3.75
C ALA A 104 -13.37 13.17 -5.03
N ARG A 105 -12.77 12.02 -5.37
CA ARG A 105 -11.94 11.93 -6.56
C ARG A 105 -12.77 12.05 -7.84
N THR A 106 -13.85 11.27 -7.95
CA THR A 106 -14.62 11.29 -9.19
C THR A 106 -15.37 12.61 -9.37
N ALA A 107 -15.61 13.35 -8.29
CA ALA A 107 -16.19 14.69 -8.36
C ALA A 107 -15.15 15.78 -8.54
N GLY A 108 -13.86 15.43 -8.54
CA GLY A 108 -12.80 16.43 -8.65
C GLY A 108 -12.79 17.42 -7.52
N GLU A 109 -13.16 17.00 -6.31
CA GLU A 109 -13.25 17.89 -5.15
C GLU A 109 -11.91 18.12 -4.47
N ILE A 110 -10.90 17.29 -4.76
CA ILE A 110 -9.61 17.43 -4.12
C ILE A 110 -8.53 17.41 -5.20
N ALA A 111 -7.46 18.16 -4.95
CA ALA A 111 -6.24 18.05 -5.72
C ALA A 111 -5.41 16.94 -5.10
N VAL A 112 -4.76 16.11 -5.92
CA VAL A 112 -3.96 15.01 -5.38
C VAL A 112 -2.51 15.13 -5.81
N ARG A 113 -1.63 14.84 -4.87
CA ARG A 113 -0.23 14.59 -5.16
C ARG A 113 0.05 13.14 -4.78
N GLU A 114 -0.57 12.25 -5.55
CA GLU A 114 -0.42 10.82 -5.33
C GLU A 114 1.03 10.44 -5.68
N MET A 115 1.58 9.49 -4.93
CA MET A 115 2.99 9.17 -5.08
C MET A 115 3.20 7.72 -4.69
N ASP A 116 4.35 7.18 -5.07
CA ASP A 116 4.73 5.84 -4.64
C ASP A 116 4.79 5.78 -3.11
N GLU A 117 4.41 4.62 -2.55
CA GLU A 117 4.39 4.46 -1.09
C GLU A 117 5.73 4.81 -0.45
N GLY A 118 6.83 4.39 -1.06
CA GLY A 118 8.14 4.68 -0.51
C GLY A 118 8.47 6.16 -0.51
N MET A 119 7.86 6.91 -1.44
CA MET A 119 8.11 8.35 -1.48
C MET A 119 7.51 9.07 -0.28
N VAL A 120 6.41 8.56 0.29
CA VAL A 120 5.87 9.18 1.49
C VAL A 120 6.88 9.10 2.62
N LYS A 121 7.40 7.89 2.87
CA LYS A 121 8.41 7.70 3.92
C LYS A 121 9.60 8.63 3.69
N CYS A 122 10.06 8.68 2.44
CA CYS A 122 11.21 9.51 2.08
C CYS A 122 10.93 10.99 2.35
N GLY A 123 9.76 11.48 1.93
CA GLY A 123 9.41 12.87 2.19
C GLY A 123 9.36 13.20 3.68
N LEU A 124 8.81 12.30 4.48
CA LEU A 124 8.79 12.51 5.92
C LEU A 124 10.19 12.49 6.51
N GLU A 125 11.05 11.59 6.00
CA GLU A 125 12.43 11.56 6.46
C GLU A 125 13.15 12.87 6.14
N ALA A 126 12.90 13.42 4.95
CA ALA A 126 13.54 14.69 4.60
C ALA A 126 13.11 15.78 5.57
N ALA A 127 11.81 15.89 5.84
CA ALA A 127 11.31 16.88 6.79
C ALA A 127 11.87 16.66 8.18
N ALA A 128 11.93 15.40 8.63
CA ALA A 128 12.49 15.08 9.94
C ALA A 128 13.92 15.58 10.08
N ALA A 129 14.72 15.49 9.00
CA ALA A 129 16.11 15.91 9.00
C ALA A 129 16.28 17.38 8.61
N ARG A 130 15.17 18.10 8.45
CA ARG A 130 15.20 19.51 8.04
C ARG A 130 15.94 19.69 6.72
N LEU A 131 15.84 18.68 5.84
CA LEU A 131 16.41 18.74 4.49
C LEU A 131 15.34 19.15 3.49
N PRO A 132 15.70 19.88 2.44
CA PRO A 132 14.70 20.25 1.43
C PRO A 132 14.30 19.13 0.51
N PHE A 133 15.11 18.07 0.39
CA PHE A 133 14.77 16.94 -0.48
C PHE A 133 15.62 15.76 -0.04
N LEU A 134 15.20 14.58 -0.48
CA LEU A 134 16.06 13.41 -0.53
C LEU A 134 15.90 12.76 -1.89
N PRO A 135 16.99 12.25 -2.47
CA PRO A 135 16.89 11.57 -3.76
C PRO A 135 16.27 10.18 -3.61
N ILE A 136 15.57 9.75 -4.64
CA ILE A 136 14.91 8.44 -4.62
C ILE A 136 14.67 8.03 -6.07
N ARG A 137 14.73 6.72 -6.34
CA ARG A 137 14.42 6.22 -7.67
CA ARG A 137 14.42 6.21 -7.67
C ARG A 137 12.92 6.18 -7.93
N ALA A 138 12.14 5.76 -6.93
CA ALA A 138 10.70 5.63 -7.08
C ALA A 138 10.09 6.91 -7.62
N GLY A 139 9.24 6.77 -8.64
CA GLY A 139 8.63 7.92 -9.29
C GLY A 139 9.10 8.09 -10.71
N LEU A 140 10.39 7.83 -10.97
CA LEU A 140 10.94 7.93 -12.33
C LEU A 140 10.15 7.06 -13.30
N GLY A 141 9.88 7.61 -14.48
CA GLY A 141 9.22 6.87 -15.53
C GLY A 141 7.73 6.61 -15.31
N SER A 142 7.14 7.16 -14.26
CA SER A 142 5.76 6.86 -13.90
C SER A 142 4.92 8.13 -13.96
N ASP A 143 3.61 7.96 -13.91
CA ASP A 143 2.73 9.12 -13.87
C ASP A 143 2.70 9.81 -12.52
N VAL A 144 3.48 9.36 -11.53
CA VAL A 144 3.72 10.24 -10.38
C VAL A 144 4.22 11.59 -10.87
N ARG A 145 5.02 11.59 -11.95
CA ARG A 145 5.52 12.85 -12.52
C ARG A 145 4.36 13.75 -12.96
N ARG A 146 3.31 13.17 -13.53
CA ARG A 146 2.19 13.98 -14.02
C ARG A 146 1.24 14.39 -12.90
N PHE A 147 1.11 13.59 -11.84
CA PHE A 147 0.32 14.02 -10.68
C PHE A 147 0.90 15.29 -10.08
N TRP A 148 2.23 15.42 -10.09
CA TRP A 148 2.91 16.52 -9.40
C TRP A 148 3.30 17.67 -10.32
N GLY A 149 3.56 17.38 -11.60
CA GLY A 149 4.10 18.42 -12.47
C GLY A 149 5.36 19.04 -11.90
N ASP A 150 5.46 20.37 -12.02
CA ASP A 150 6.69 21.06 -11.62
C ASP A 150 6.90 21.04 -10.11
N GLU A 151 5.94 20.56 -9.32
CA GLU A 151 6.20 20.44 -7.90
CA GLU A 151 6.17 20.42 -7.89
C GLU A 151 7.14 19.29 -7.57
N LEU A 152 7.37 18.38 -8.51
CA LEU A 152 8.31 17.28 -8.33
C LEU A 152 9.39 17.39 -9.39
N ARG A 153 10.61 17.68 -8.95
CA ARG A 153 11.75 17.88 -9.83
C ARG A 153 12.76 16.77 -9.60
N THR A 154 13.78 16.72 -10.47
CA THR A 154 14.85 15.74 -10.34
C THR A 154 16.10 16.40 -9.78
N VAL A 155 17.06 15.55 -9.40
CA VAL A 155 18.38 15.99 -8.97
C VAL A 155 19.41 15.06 -9.57
N THR A 156 20.50 15.62 -10.08
CA THR A 156 21.55 14.80 -10.67
C THR A 156 22.70 14.62 -9.69
N SER A 157 23.17 13.39 -9.58
CA SER A 157 24.30 13.09 -8.71
C SER A 157 25.52 13.90 -9.15
N PRO A 158 26.24 14.54 -8.21
CA PRO A 158 27.54 15.14 -8.57
C PRO A 158 28.65 14.13 -8.76
N TYR A 159 28.38 12.84 -8.50
CA TYR A 159 29.32 11.75 -8.73
C TYR A 159 28.80 10.86 -9.85
N PRO A 160 29.49 10.72 -10.98
CA PRO A 160 29.03 9.74 -11.97
C PRO A 160 29.19 8.32 -11.46
N ASP A 161 28.44 7.41 -12.07
CA ASP A 161 28.61 6.00 -11.78
C ASP A 161 29.91 5.49 -12.43
N ALA A 162 30.23 4.22 -12.19
CA ALA A 162 31.47 3.65 -12.72
C ALA A 162 31.52 3.70 -14.24
N SER A 163 30.36 3.73 -14.90
CA SER A 163 30.33 3.80 -16.36
C SER A 163 30.70 5.18 -16.89
N GLY A 164 30.77 6.19 -16.02
CA GLY A 164 30.92 7.56 -16.47
C GLY A 164 29.63 8.34 -16.57
N LYS A 165 28.49 7.69 -16.37
CA LYS A 165 27.20 8.36 -16.47
C LYS A 165 26.70 8.76 -15.09
N SER A 166 26.12 9.97 -15.00
CA SER A 166 25.57 10.47 -13.75
C SER A 166 24.09 10.11 -13.64
N GLU A 167 23.69 9.61 -12.48
CA GLU A 167 22.29 9.28 -12.25
C GLU A 167 21.49 10.54 -11.99
N THR A 168 20.30 10.61 -12.59
CA THR A 168 19.35 11.67 -12.30
C THR A 168 18.14 11.01 -11.64
N LEU A 169 17.84 11.45 -10.43
CA LEU A 169 16.87 10.81 -9.55
C LEU A 169 15.76 11.79 -9.22
N ILE A 170 14.63 11.26 -8.73
CA ILE A 170 13.61 12.13 -8.16
C ILE A 170 14.16 12.84 -6.94
N ALA A 171 13.96 14.15 -6.88
CA ALA A 171 14.26 14.90 -5.66
C ALA A 171 12.97 14.95 -4.88
N MET A 172 12.78 13.99 -3.97
CA MET A 172 11.53 13.98 -3.20
C MET A 172 11.54 15.15 -2.23
N PRO A 173 10.62 16.10 -2.35
CA PRO A 173 10.64 17.25 -1.43
C PRO A 173 10.23 16.84 -0.02
N ALA A 174 10.69 17.62 0.95
CA ALA A 174 10.29 17.38 2.33
C ALA A 174 8.78 17.54 2.48
N LEU A 175 8.18 16.60 3.19
CA LEU A 175 6.76 16.70 3.56
C LEU A 175 6.64 17.35 4.95
N ASN A 176 6.95 18.65 4.98
CA ASN A 176 6.82 19.41 6.22
C ASN A 176 5.35 19.55 6.59
N LEU A 177 5.04 19.33 7.87
CA LEU A 177 3.67 19.31 8.34
C LEU A 177 3.46 20.42 9.36
N ASP A 178 2.30 21.08 9.29
CA ASP A 178 1.93 21.95 10.40
C ASP A 178 1.60 21.14 11.64
N ALA A 179 0.99 19.96 11.46
CA ALA A 179 0.54 19.16 12.57
C ALA A 179 0.60 17.69 12.19
N ALA A 180 0.79 16.85 13.20
CA ALA A 180 0.71 15.40 13.06
C ALA A 180 -0.32 14.88 14.06
N LEU A 181 -1.11 13.92 13.61
CA LEU A 181 -2.07 13.21 14.46
C LEU A 181 -1.72 11.74 14.41
N VAL A 182 -1.39 11.15 15.56
CA VAL A 182 -1.05 9.74 15.62
C VAL A 182 -1.72 9.12 16.84
N HIS A 183 -1.94 7.81 16.77
CA HIS A 183 -2.50 7.03 17.86
C HIS A 183 -1.57 5.86 18.19
N LEU A 184 -1.25 5.71 19.48
CA LEU A 184 -0.38 4.66 19.95
C LEU A 184 -1.02 3.93 21.11
N ASN A 185 -0.39 2.82 21.53
CA ASN A 185 -1.06 1.94 22.48
C ASN A 185 -0.88 2.42 23.92
N LEU A 186 0.30 2.95 24.25
CA LEU A 186 0.60 3.36 25.61
C LEU A 186 1.45 4.62 25.56
N GLY A 187 1.28 5.48 26.56
CA GLY A 187 2.14 6.65 26.69
C GLY A 187 2.03 7.24 28.07
N ASP A 188 3.00 8.08 28.42
CA ASP A 188 2.91 8.79 29.69
C ASP A 188 2.41 10.22 29.43
N LYS A 189 2.27 10.99 30.50
CA LYS A 189 1.67 12.31 30.37
C LYS A 189 2.61 13.33 29.76
N HIS A 190 3.86 12.94 29.49
CA HIS A 190 4.84 13.85 28.89
C HIS A 190 5.06 13.58 27.41
N GLY A 191 4.43 12.54 26.85
CA GLY A 191 4.58 12.23 25.45
C GLY A 191 5.48 11.06 25.12
N ASN A 192 6.17 10.46 26.09
CA ASN A 192 6.82 9.19 25.79
C ASN A 192 5.73 8.19 25.45
N ALA A 193 5.93 7.43 24.38
CA ALA A 193 4.84 6.59 23.88
C ALA A 193 5.39 5.36 23.17
N ALA A 194 4.58 4.30 23.16
CA ALA A 194 5.01 3.04 22.58
C ALA A 194 3.88 2.43 21.76
N TYR A 195 4.26 1.64 20.77
CA TYR A 195 3.32 0.73 20.10
C TYR A 195 3.48 -0.67 20.66
N THR A 196 2.42 -1.44 20.57
CA THR A 196 2.45 -2.88 20.80
C THR A 196 1.99 -3.54 19.52
N GLY A 197 2.42 -4.77 19.29
CA GLY A 197 2.09 -5.43 18.05
C GLY A 197 3.25 -5.40 17.07
N VAL A 198 2.95 -5.74 15.81
CA VAL A 198 4.02 -6.09 14.88
C VAL A 198 4.55 -4.91 14.08
N ASP A 199 3.97 -3.71 14.19
CA ASP A 199 4.42 -2.65 13.30
C ASP A 199 4.23 -1.25 13.87
N PRO A 200 5.29 -0.44 13.96
CA PRO A 200 5.12 0.97 14.35
C PRO A 200 4.48 1.82 13.27
N TYR A 201 4.35 1.30 12.05
CA TYR A 201 4.04 2.07 10.85
C TYR A 201 5.06 3.21 10.79
N PHE A 202 4.64 4.47 10.72
CA PHE A 202 5.55 5.59 10.48
C PHE A 202 5.27 6.74 11.42
N ASP A 203 4.66 6.48 12.56
CA ASP A 203 4.14 7.55 13.40
C ASP A 203 5.24 8.42 13.98
N ASP A 204 6.41 7.82 14.24
CA ASP A 204 7.56 8.60 14.69
C ASP A 204 7.99 9.60 13.62
N LEU A 205 7.98 9.19 12.36
CA LEU A 205 8.34 10.09 11.27
C LEU A 205 7.32 11.21 11.11
N TYR A 206 6.02 10.87 11.19
CA TYR A 206 5.00 11.92 11.14
C TYR A 206 5.24 12.97 12.22
N CYS A 207 5.54 12.54 13.44
CA CYS A 207 5.78 13.50 14.51
C CYS A 207 7.01 14.32 14.24
N ALA A 208 8.09 13.69 13.77
CA ALA A 208 9.33 14.40 13.51
C ALA A 208 9.18 15.40 12.37
N ALA A 209 8.23 15.18 11.46
CA ALA A 209 8.02 16.04 10.30
C ALA A 209 7.13 17.24 10.59
N ALA A 210 6.60 17.36 11.80
CA ALA A 210 5.52 18.28 12.10
C ALA A 210 5.93 19.32 13.14
N GLU A 211 5.22 20.45 13.11
CA GLU A 211 5.43 21.51 14.09
C GLU A 211 4.66 21.23 15.37
N LYS A 212 3.38 20.85 15.25
CA LYS A 212 2.52 20.54 16.39
C LYS A 212 2.17 19.06 16.35
N ARG A 213 2.38 18.36 17.46
CA ARG A 213 2.28 16.91 17.47
C ARG A 213 1.30 16.45 18.53
N PHE A 214 0.26 15.76 18.11
CA PHE A 214 -0.77 15.26 19.03
C PHE A 214 -0.83 13.75 18.94
N VAL A 215 -0.68 13.08 20.08
CA VAL A 215 -0.69 11.63 20.17
C VAL A 215 -1.86 11.25 21.06
N SER A 216 -2.79 10.46 20.53
CA SER A 216 -3.77 9.81 21.38
C SER A 216 -3.23 8.43 21.76
N VAL A 217 -3.57 7.96 22.97
CA VAL A 217 -3.11 6.66 23.44
C VAL A 217 -4.27 5.91 24.09
N GLU A 218 -4.19 4.58 24.02
CA GLU A 218 -5.22 3.75 24.63
C GLU A 218 -5.31 4.00 26.14
N ARG A 219 -4.15 4.24 26.76
CA ARG A 219 -4.07 4.38 28.21
C ARG A 219 -2.85 5.22 28.52
N VAL A 220 -3.01 6.20 29.40
CA VAL A 220 -1.88 6.95 29.93
C VAL A 220 -1.39 6.25 31.17
N VAL A 221 -0.09 5.97 31.22
CA VAL A 221 0.52 5.22 32.31
C VAL A 221 1.67 6.04 32.87
N GLU A 222 2.18 5.58 34.01
CA GLU A 222 3.42 6.13 34.53
C GLU A 222 4.58 5.81 33.59
N THR A 223 5.53 6.72 33.53
CA THR A 223 6.74 6.50 32.72
C THR A 223 7.36 5.14 33.02
N GLU A 224 7.53 4.84 34.30
CA GLU A 224 8.14 3.58 34.67
C GLU A 224 7.28 2.40 34.24
N GLU A 225 5.95 2.56 34.32
CA GLU A 225 5.07 1.52 33.82
C GLU A 225 5.23 1.34 32.31
N LEU A 226 5.32 2.45 31.58
CA LEU A 226 5.53 2.38 30.13
C LEU A 226 6.80 1.61 29.79
N VAL A 227 7.91 1.94 30.44
CA VAL A 227 9.18 1.35 30.03
C VAL A 227 9.35 -0.09 30.52
N LYS A 228 8.58 -0.53 31.50
CA LYS A 228 8.63 -1.94 31.89
C LYS A 228 7.59 -2.82 31.21
N THR A 229 6.68 -2.22 30.44
CA THR A 229 5.66 -2.96 29.72
C THR A 229 6.12 -3.41 28.34
N VAL A 230 6.99 -2.65 27.69
CA VAL A 230 7.37 -2.91 26.31
C VAL A 230 8.89 -2.93 26.21
N PRO A 231 9.44 -3.61 25.21
CA PRO A 231 10.89 -3.52 24.96
C PRO A 231 11.30 -2.10 24.62
N LEU A 232 12.56 -1.80 24.91
CA LEU A 232 13.17 -0.51 24.55
C LEU A 232 12.80 -0.08 23.15
N GLN A 233 12.87 -1.02 22.21
CA GLN A 233 12.69 -0.72 20.80
C GLN A 233 11.28 -0.28 20.45
N ASN A 234 10.31 -0.49 21.33
CA ASN A 234 8.95 -0.06 21.05
C ASN A 234 8.67 1.36 21.53
N LEU A 235 9.61 1.98 22.25
CA LEU A 235 9.45 3.35 22.72
C LEU A 235 9.76 4.29 21.55
N ILE A 236 8.77 4.44 20.66
CA ILE A 236 9.07 5.14 19.41
C ILE A 236 8.87 6.65 19.49
N LEU A 237 8.23 7.17 20.53
CA LEU A 237 8.15 8.62 20.73
C LEU A 237 8.83 8.99 22.04
N ASN A 238 9.67 10.03 22.00
CA ASN A 238 10.19 10.62 23.23
C ASN A 238 9.55 11.99 23.42
N ARG A 239 9.90 12.67 24.52
CA ARG A 239 9.15 13.89 24.87
C ARG A 239 9.32 15.00 23.85
N MET A 240 10.44 15.02 23.13
CA MET A 240 10.72 16.04 22.11
C MET A 240 9.87 15.90 20.87
N MET A 241 9.10 14.83 20.76
CA MET A 241 8.33 14.54 19.57
C MET A 241 6.83 14.76 19.77
N VAL A 242 6.42 15.24 20.94
CA VAL A 242 5.00 15.31 21.28
C VAL A 242 4.70 16.64 21.95
N ASP A 243 3.58 17.26 21.55
CA ASP A 243 3.12 18.46 22.21
C ASP A 243 1.87 18.26 23.06
N GLY A 244 0.99 17.34 22.67
CA GLY A 244 -0.20 17.05 23.44
C GLY A 244 -0.49 15.57 23.46
N VAL A 245 -0.90 15.07 24.63
CA VAL A 245 -1.23 13.68 24.86
C VAL A 245 -2.71 13.56 25.19
N VAL A 246 -3.43 12.71 24.46
CA VAL A 246 -4.85 12.51 24.69
C VAL A 246 -5.10 11.05 25.05
N GLU A 247 -5.74 10.83 26.21
CA GLU A 247 -6.13 9.46 26.56
C GLU A 247 -7.44 9.14 25.84
N ALA A 248 -7.39 8.17 24.92
CA ALA A 248 -8.53 7.82 24.08
C ALA A 248 -8.64 6.30 23.96
N PRO A 249 -9.20 5.64 24.99
CA PRO A 249 -9.42 4.19 24.90
C PRO A 249 -10.33 3.87 23.73
N ASN A 250 -9.93 2.85 22.95
CA ASN A 250 -10.60 2.49 21.70
C ASN A 250 -10.53 3.62 20.69
N GLY A 251 -9.54 4.51 20.83
CA GLY A 251 -9.43 5.70 19.99
C GLY A 251 -8.98 5.44 18.57
N ALA A 252 -8.66 4.20 18.21
CA ALA A 252 -8.39 3.85 16.82
C ALA A 252 -9.61 3.22 16.14
N HIS A 253 -10.65 2.88 16.90
CA HIS A 253 -11.85 2.30 16.29
C HIS A 253 -12.36 3.18 15.16
N PHE A 254 -12.64 2.58 13.99
CA PHE A 254 -12.81 1.15 13.79
C PHE A 254 -11.61 0.46 13.12
N THR A 255 -10.44 1.10 13.12
CA THR A 255 -9.24 0.46 12.61
C THR A 255 -8.63 -0.43 13.69
N LEU A 256 -7.69 -1.30 13.26
CA LEU A 256 -7.01 -2.17 14.22
C LEU A 256 -5.96 -1.39 14.99
N ALA A 257 -5.47 -1.97 16.08
CA ALA A 257 -4.56 -1.25 16.97
C ALA A 257 -3.59 -2.21 17.65
N GLY A 258 -2.77 -2.90 16.85
CA GLY A 258 -1.73 -3.73 17.42
C GLY A 258 -2.31 -4.80 18.33
N ASP A 259 -1.68 -4.96 19.50
CA ASP A 259 -2.15 -5.93 20.49
C ASP A 259 -3.41 -5.49 21.23
N SER A 260 -3.85 -4.24 21.09
CA SER A 260 -5.00 -3.78 21.87
C SER A 260 -6.30 -4.40 21.35
N TYR A 261 -6.53 -4.31 20.05
CA TYR A 261 -7.73 -4.88 19.45
C TYR A 261 -7.51 -4.94 17.95
N GLY A 262 -8.29 -5.80 17.30
CA GLY A 262 -8.32 -5.88 15.85
C GLY A 262 -9.32 -4.92 15.26
N ARG A 263 -9.47 -5.01 13.94
CA ARG A 263 -10.36 -4.12 13.21
C ARG A 263 -11.81 -4.48 13.49
N ASP A 264 -12.67 -3.47 13.65
CA ASP A 264 -14.10 -3.72 13.76
C ASP A 264 -14.64 -3.83 12.34
N GLU A 265 -14.54 -5.03 11.79
CA GLU A 265 -14.87 -5.24 10.39
C GLU A 265 -16.34 -4.94 10.11
N LYS A 266 -17.23 -5.40 11.00
CA LYS A 266 -18.66 -5.15 10.77
C LYS A 266 -18.96 -3.66 10.77
N PHE A 267 -18.34 -2.90 11.68
CA PHE A 267 -18.63 -1.48 11.70
C PHE A 267 -18.01 -0.76 10.51
N GLN A 268 -16.82 -1.20 10.08
CA GLN A 268 -16.23 -0.61 8.88
C GLN A 268 -17.14 -0.79 7.68
N ARG A 269 -17.74 -1.98 7.56
CA ARG A 269 -18.70 -2.20 6.49
C ARG A 269 -19.91 -1.30 6.65
N HIS A 270 -20.36 -1.09 7.89
CA HIS A 270 -21.49 -0.20 8.09
C HIS A 270 -21.13 1.24 7.70
N TYR A 271 -19.93 1.69 8.05
CA TYR A 271 -19.47 3.01 7.64
C TYR A 271 -19.50 3.15 6.13
N ALA A 272 -18.90 2.19 5.43
CA ALA A 272 -18.80 2.29 3.98
C ALA A 272 -20.17 2.27 3.32
N GLU A 273 -21.05 1.36 3.77
CA GLU A 273 -22.38 1.29 3.17
C GLU A 273 -23.20 2.54 3.46
N SER A 274 -22.97 3.19 4.60
CA SER A 274 -23.74 4.38 4.90
C SER A 274 -23.43 5.53 3.97
N ALA A 275 -22.26 5.52 3.31
CA ALA A 275 -21.91 6.58 2.38
C ALA A 275 -22.78 6.54 1.13
N LYS A 276 -23.50 5.45 0.88
CA LYS A 276 -24.13 5.21 -0.42
C LYS A 276 -25.33 6.13 -0.66
N THR A 277 -26.03 6.54 0.38
CA THR A 277 -27.26 7.30 0.17
C THR A 277 -27.33 8.47 1.14
N PRO A 278 -28.06 9.53 0.78
CA PRO A 278 -28.23 10.64 1.72
C PRO A 278 -28.84 10.24 3.05
N GLN A 279 -29.89 9.42 3.03
CA GLN A 279 -30.55 9.06 4.28
C GLN A 279 -29.63 8.22 5.17
N ALA A 280 -28.88 7.28 4.57
CA ALA A 280 -27.98 6.44 5.36
C ALA A 280 -26.86 7.26 5.96
N TRP A 281 -26.29 8.18 5.18
CA TRP A 281 -25.18 8.95 5.72
C TRP A 281 -25.66 9.94 6.78
N GLN A 282 -26.79 10.61 6.53
CA GLN A 282 -27.32 11.51 7.56
C GLN A 282 -27.57 10.76 8.85
N GLN A 283 -28.06 9.52 8.77
CA GLN A 283 -28.29 8.72 9.96
C GLN A 283 -26.98 8.36 10.64
N PHE A 284 -25.96 7.99 9.84
CA PHE A 284 -24.65 7.70 10.40
C PHE A 284 -24.08 8.92 11.10
N VAL A 285 -24.23 10.10 10.49
CA VAL A 285 -23.76 11.35 11.09
C VAL A 285 -24.47 11.60 12.41
N ALA A 286 -25.81 11.51 12.41
CA ALA A 286 -26.57 11.80 13.62
C ALA A 286 -26.25 10.82 14.74
N THR A 287 -25.99 9.55 14.39
CA THR A 287 -25.79 8.52 15.39
C THR A 287 -24.37 8.51 15.95
N TYR A 288 -23.37 8.73 15.10
CA TYR A 288 -21.98 8.48 15.48
C TYR A 288 -21.08 9.70 15.47
N LEU A 289 -21.40 10.74 14.69
CA LEU A 289 -20.44 11.83 14.45
C LEU A 289 -20.91 13.17 14.99
N SER A 290 -22.00 13.23 15.74
CA SER A 290 -22.61 14.49 16.15
C SER A 290 -22.57 14.72 17.65
N GLY A 291 -21.92 13.83 18.39
CA GLY A 291 -21.78 14.00 19.82
C GLY A 291 -20.33 13.85 20.23
N SER A 292 -20.08 13.46 21.47
CA SER A 292 -18.72 13.35 21.97
C SER A 292 -18.10 12.02 21.54
N GLU A 293 -16.81 11.85 21.84
CA GLU A 293 -16.21 10.53 21.66
C GLU A 293 -16.90 9.50 22.52
N ASP A 294 -17.26 9.87 23.76
CA ASP A 294 -18.03 8.97 24.60
C ASP A 294 -19.36 8.60 23.95
N ASP A 295 -20.03 9.58 23.33
CA ASP A 295 -21.26 9.27 22.59
C ASP A 295 -21.00 8.29 21.46
N TYR A 296 -19.89 8.47 20.74
CA TYR A 296 -19.53 7.55 19.66
C TYR A 296 -19.28 6.15 20.20
N GLN A 297 -18.48 6.05 21.27
CA GLN A 297 -18.14 4.75 21.83
C GLN A 297 -19.38 4.03 22.35
N ALA A 298 -20.31 4.78 22.97
CA ALA A 298 -21.56 4.16 23.42
C ALA A 298 -22.36 3.65 22.23
N ALA A 299 -22.40 4.42 21.14
CA ALA A 299 -23.19 4.00 19.98
C ALA A 299 -22.57 2.81 19.29
N VAL A 300 -21.23 2.77 19.24
CA VAL A 300 -20.53 1.62 18.66
C VAL A 300 -20.74 0.37 19.52
N LYS A 301 -20.73 0.53 20.84
CA LYS A 301 -21.01 -0.59 21.72
C LYS A 301 -22.40 -1.15 21.44
N LYS A 302 -23.39 -0.27 21.32
CA LYS A 302 -24.76 -0.75 21.09
C LYS A 302 -24.89 -1.35 19.69
N PHE A 303 -24.18 -0.81 18.71
CA PHE A 303 -24.13 -1.45 17.40
C PHE A 303 -23.63 -2.89 17.50
N ALA A 304 -22.56 -3.11 18.28
CA ALA A 304 -21.96 -4.43 18.40
C ALA A 304 -22.96 -5.45 18.93
N GLU A 305 -23.77 -5.06 19.91
CA GLU A 305 -24.84 -5.91 20.43
C GLU A 305 -26.05 -5.96 19.52
N GLU A 306 -25.93 -5.52 18.26
CA GLU A 306 -27.03 -5.46 17.31
C GLU A 306 -28.21 -4.66 17.86
N THR B 6 -2.89 -37.49 -16.49
CA THR B 6 -3.05 -36.06 -16.31
C THR B 6 -4.53 -35.67 -16.21
N GLU B 7 -4.87 -34.92 -15.16
CA GLU B 7 -6.20 -34.33 -15.00
C GLU B 7 -6.04 -32.94 -14.39
N VAL B 8 -5.18 -32.15 -15.00
CA VAL B 8 -4.72 -30.88 -14.45
C VAL B 8 -5.68 -29.77 -14.88
N THR B 9 -6.07 -28.93 -13.93
CA THR B 9 -6.99 -27.83 -14.20
C THR B 9 -6.23 -26.60 -14.70
N ARG B 10 -6.98 -25.69 -15.32
CA ARG B 10 -6.38 -24.42 -15.73
C ARG B 10 -5.75 -23.68 -14.55
N ALA B 11 -6.41 -23.70 -13.39
CA ALA B 11 -5.83 -23.05 -12.22
C ALA B 11 -4.49 -23.67 -11.84
N GLU B 12 -4.35 -24.99 -11.99
CA GLU B 12 -3.09 -25.63 -11.62
C GLU B 12 -1.98 -25.29 -12.61
N TYR B 13 -2.30 -25.14 -13.89
CA TYR B 13 -1.30 -24.62 -14.82
C TYR B 13 -0.89 -23.20 -14.44
N CYS B 14 -1.85 -22.38 -14.02
CA CYS B 14 -1.52 -21.03 -13.58
C CYS B 14 -0.61 -21.06 -12.36
N ALA B 15 -0.86 -22.01 -11.44
CA ALA B 15 -0.04 -22.12 -10.24
C ALA B 15 1.41 -22.44 -10.57
N ILE B 16 1.64 -23.45 -11.41
CA ILE B 16 3.03 -23.77 -11.72
C ILE B 16 3.65 -22.68 -12.58
N ALA B 17 2.86 -21.99 -13.41
CA ALA B 17 3.43 -20.87 -14.15
C ALA B 17 3.83 -19.74 -13.22
N CYS B 18 3.05 -19.51 -12.16
CA CYS B 18 3.45 -18.52 -11.18
C CYS B 18 4.68 -18.97 -10.38
N ALA B 19 4.84 -20.27 -10.15
CA ALA B 19 6.06 -20.74 -9.50
C ALA B 19 7.26 -20.50 -10.41
N ASP B 20 7.08 -20.73 -11.71
CA ASP B 20 8.17 -20.57 -12.66
C ASP B 20 8.63 -19.11 -12.75
N ILE B 21 7.79 -18.15 -12.36
CA ILE B 21 8.22 -16.75 -12.29
C ILE B 21 9.52 -16.62 -11.50
N PHE B 22 9.67 -17.40 -10.45
CA PHE B 22 10.76 -17.27 -9.50
C PHE B 22 11.92 -18.21 -9.82
N SER B 23 11.88 -18.91 -10.95
CA SER B 23 12.98 -19.78 -11.32
C SER B 23 14.26 -18.97 -11.44
N GLY B 24 15.29 -19.37 -10.68
CA GLY B 24 16.55 -18.65 -10.69
C GLY B 24 16.58 -17.41 -9.83
N ALA B 25 15.55 -17.20 -9.00
CA ALA B 25 15.46 -15.97 -8.21
C ALA B 25 16.51 -15.92 -7.11
N GLY B 26 16.81 -17.07 -6.51
CA GLY B 26 17.78 -17.08 -5.43
C GLY B 26 17.27 -16.48 -4.13
N GLU B 27 18.12 -15.75 -3.43
CA GLU B 27 17.84 -15.34 -2.05
C GLU B 27 17.29 -13.91 -2.01
N ILE B 28 16.06 -13.78 -2.52
CA ILE B 28 15.37 -12.50 -2.59
C ILE B 28 13.97 -12.66 -2.00
N MET B 29 13.34 -11.51 -1.76
CA MET B 29 11.99 -11.49 -1.21
C MET B 29 10.99 -11.71 -2.33
N ALA B 30 10.18 -12.76 -2.22
CA ALA B 30 9.09 -13.00 -3.14
C ALA B 30 7.83 -12.35 -2.56
N SER B 31 7.26 -11.40 -3.30
CA SER B 31 6.12 -10.61 -2.82
C SER B 31 4.94 -10.81 -3.76
N PRO B 32 4.25 -11.94 -3.67
CA PRO B 32 3.06 -12.16 -4.51
C PRO B 32 1.87 -11.46 -3.91
N MET B 33 1.13 -10.73 -4.76
CA MET B 33 0.04 -9.88 -4.27
C MET B 33 -1.33 -10.43 -4.63
N ALA B 34 -1.43 -11.71 -4.98
CA ALA B 34 -2.71 -12.33 -5.29
C ALA B 34 -2.57 -13.81 -4.98
N THR B 35 -3.70 -14.51 -4.94
CA THR B 35 -3.71 -15.88 -4.44
C THR B 35 -2.89 -16.83 -5.33
N LEU B 36 -3.12 -16.79 -6.64
CA LEU B 36 -2.35 -17.67 -7.52
C LEU B 36 -0.86 -17.38 -7.45
N PRO B 37 -0.39 -16.14 -7.58
CA PRO B 37 1.05 -15.90 -7.40
C PRO B 37 1.56 -16.31 -6.03
N LEU B 38 0.71 -16.24 -5.01
CA LEU B 38 1.14 -16.67 -3.67
C LEU B 38 1.33 -18.18 -3.62
N ILE B 39 0.40 -18.94 -4.19
CA ILE B 39 0.59 -20.39 -4.29
C ILE B 39 1.85 -20.67 -5.09
N GLY B 40 2.05 -19.94 -6.19
CA GLY B 40 3.23 -20.13 -7.01
C GLY B 40 4.53 -19.86 -6.26
N ALA B 41 4.59 -18.74 -5.55
CA ALA B 41 5.83 -18.42 -4.81
C ALA B 41 6.13 -19.49 -3.78
N ARG B 42 5.11 -19.93 -3.05
CA ARG B 42 5.33 -20.93 -2.02
C ARG B 42 5.62 -22.29 -2.64
N LEU B 43 5.01 -22.60 -3.79
CA LEU B 43 5.36 -23.82 -4.51
C LEU B 43 6.82 -23.80 -4.95
N ALA B 44 7.28 -22.67 -5.49
CA ALA B 44 8.69 -22.55 -5.84
C ALA B 44 9.57 -22.74 -4.61
N ARG B 45 9.17 -22.17 -3.47
CA ARG B 45 9.98 -22.24 -2.26
C ARG B 45 10.09 -23.67 -1.75
N LEU B 46 9.09 -24.51 -2.02
CA LEU B 46 9.11 -25.89 -1.57
C LEU B 46 9.69 -26.84 -2.61
N THR B 47 10.09 -26.33 -3.78
CA THR B 47 10.64 -27.19 -4.80
C THR B 47 12.07 -26.77 -5.16
N THR B 48 12.22 -25.70 -5.94
CA THR B 48 13.54 -25.37 -6.46
C THR B 48 14.12 -24.05 -5.97
N GLU B 49 13.37 -23.27 -5.21
CA GLU B 49 13.85 -21.97 -4.73
C GLU B 49 13.68 -21.85 -3.22
N PRO B 50 14.33 -22.74 -2.43
CA PRO B 50 14.10 -22.73 -0.98
C PRO B 50 14.60 -21.47 -0.29
N ASP B 51 15.46 -20.69 -0.94
CA ASP B 51 16.05 -19.53 -0.28
C ASP B 51 15.22 -18.27 -0.45
N LEU B 52 14.10 -18.34 -1.16
CA LEU B 52 13.19 -17.20 -1.21
C LEU B 52 12.81 -16.78 0.19
N LEU B 53 12.67 -15.47 0.39
CA LEU B 53 12.07 -14.92 1.60
C LEU B 53 10.60 -14.65 1.31
N ILE B 54 9.74 -15.03 2.24
CA ILE B 54 8.30 -14.75 2.13
C ILE B 54 7.82 -14.25 3.48
N THR B 55 6.77 -13.42 3.45
CA THR B 55 6.19 -12.87 4.67
C THR B 55 4.75 -13.32 4.81
N ASP B 56 4.17 -12.97 5.96
CA ASP B 56 2.75 -13.18 6.20
C ASP B 56 1.88 -12.07 5.62
N GLY B 57 2.44 -11.22 4.77
CA GLY B 57 1.68 -10.13 4.19
C GLY B 57 1.48 -8.96 5.11
N GLU B 58 1.95 -9.04 6.37
CA GLU B 58 1.79 -7.94 7.32
C GLU B 58 3.15 -7.47 7.80
N ALA B 59 3.86 -8.25 8.60
CA ALA B 59 5.12 -7.77 9.15
C ALA B 59 6.09 -8.88 9.56
N LEU B 60 5.75 -10.15 9.31
CA LEU B 60 6.58 -11.25 9.78
C LEU B 60 7.12 -12.06 8.61
N ILE B 61 8.41 -12.41 8.69
CA ILE B 61 9.06 -13.25 7.69
C ILE B 61 8.88 -14.71 8.11
N PHE B 62 8.36 -15.53 7.22
CA PHE B 62 8.10 -16.94 7.52
C PHE B 62 9.36 -17.78 7.43
N ALA B 63 9.58 -18.64 8.42
CA ALA B 63 10.62 -19.65 8.31
C ALA B 63 10.17 -20.79 7.40
N ASP B 64 9.11 -21.49 7.80
CA ASP B 64 8.54 -22.54 6.97
C ASP B 64 7.55 -21.96 5.97
N THR B 65 7.08 -22.80 5.06
CA THR B 65 6.16 -22.38 4.01
C THR B 65 4.77 -22.88 4.32
N PRO B 66 3.83 -22.00 4.68
CA PRO B 66 2.51 -22.47 5.11
C PRO B 66 1.50 -22.53 3.96
N ALA B 67 0.41 -23.23 4.24
CA ALA B 67 -0.75 -23.22 3.38
C ALA B 67 -1.28 -21.80 3.25
N VAL B 68 -2.01 -21.55 2.16
CA VAL B 68 -2.66 -20.26 1.98
C VAL B 68 -3.51 -19.96 3.21
N GLY B 69 -3.32 -18.78 3.78
CA GLY B 69 -4.08 -18.37 4.94
C GLY B 69 -3.64 -18.99 6.25
N ALA B 70 -2.53 -19.72 6.26
CA ALA B 70 -2.04 -20.36 7.46
C ALA B 70 -0.86 -19.60 8.04
N LYS B 71 -0.66 -19.77 9.34
CA LYS B 71 0.53 -19.25 9.99
C LYS B 71 1.64 -20.29 9.95
N ALA B 72 2.86 -19.82 10.13
CA ALA B 72 4.02 -20.69 10.23
C ALA B 72 5.01 -20.05 11.18
N PRO B 73 5.94 -20.83 11.74
CA PRO B 73 7.03 -20.22 12.52
C PRO B 73 7.77 -19.19 11.68
N ILE B 74 8.26 -18.15 12.36
CA ILE B 74 8.83 -17.00 11.68
C ILE B 74 10.35 -17.04 11.78
N GLU B 75 11.01 -16.25 10.92
CA GLU B 75 12.45 -16.14 10.95
C GLU B 75 12.94 -14.69 11.00
N GLY B 76 12.04 -13.72 11.01
CA GLY B 76 12.51 -12.34 11.00
C GLY B 76 11.34 -11.39 10.98
N TRP B 77 11.69 -10.11 10.93
CA TRP B 77 10.74 -9.02 11.10
C TRP B 77 10.78 -8.13 9.87
N MET B 78 9.62 -7.84 9.29
CA MET B 78 9.55 -7.07 8.05
C MET B 78 8.38 -6.10 8.12
N PRO B 79 8.46 -5.10 9.01
CA PRO B 79 7.42 -4.06 9.05
C PRO B 79 7.46 -3.25 7.76
N PHE B 80 6.42 -2.45 7.54
CA PHE B 80 6.29 -1.76 6.26
C PHE B 80 7.49 -0.85 5.99
N ARG B 81 7.99 -0.15 7.01
CA ARG B 81 9.11 0.75 6.75
C ARG B 81 10.33 -0.01 6.26
N LYS B 82 10.50 -1.27 6.69
CA LYS B 82 11.65 -2.04 6.24
C LYS B 82 11.42 -2.62 4.84
N VAL B 83 10.17 -2.88 4.45
CA VAL B 83 9.90 -3.29 3.08
C VAL B 83 10.46 -2.29 2.09
N PHE B 84 10.32 -0.99 2.39
CA PHE B 84 10.83 0.02 1.48
C PHE B 84 12.34 -0.03 1.37
N ASP B 85 13.03 -0.44 2.44
CA ASP B 85 14.48 -0.70 2.34
C ASP B 85 14.75 -1.86 1.42
N VAL B 86 13.97 -2.94 1.53
CA VAL B 86 14.14 -4.08 0.62
C VAL B 86 13.93 -3.64 -0.82
N VAL B 87 12.88 -2.86 -1.09
CA VAL B 87 12.62 -2.40 -2.44
C VAL B 87 13.83 -1.65 -2.98
N ALA B 88 14.34 -0.68 -2.22
CA ALA B 88 15.45 0.11 -2.68
C ALA B 88 16.72 -0.71 -2.85
N SER B 89 16.83 -1.84 -2.14
CA SER B 89 17.99 -2.71 -2.25
C SER B 89 17.97 -3.58 -3.50
N GLY B 90 16.79 -3.73 -4.12
CA GLY B 90 16.65 -4.53 -5.31
C GLY B 90 16.42 -6.01 -5.08
N ARG B 91 16.48 -6.48 -3.83
CA ARG B 91 16.48 -7.92 -3.55
C ARG B 91 15.04 -8.41 -3.36
N ARG B 92 14.28 -8.32 -4.44
CA ARG B 92 12.84 -8.59 -4.37
C ARG B 92 12.32 -8.87 -5.77
N HIS B 93 11.26 -9.66 -5.83
CA HIS B 93 10.52 -9.88 -7.07
C HIS B 93 9.05 -9.85 -6.66
N VAL B 94 8.33 -8.80 -7.08
CA VAL B 94 6.92 -8.63 -6.74
C VAL B 94 6.09 -9.18 -7.89
N VAL B 95 4.94 -9.76 -7.58
CA VAL B 95 3.95 -10.13 -8.59
C VAL B 95 2.70 -9.32 -8.26
N MET B 96 2.45 -8.28 -9.04
CA MET B 96 1.31 -7.40 -8.82
C MET B 96 0.15 -7.79 -9.73
N GLY B 97 -1.06 -7.39 -9.32
CA GLY B 97 -2.19 -7.39 -10.22
C GLY B 97 -2.12 -6.19 -11.14
N ALA B 98 -3.12 -6.08 -12.01
CA ALA B 98 -3.12 -4.99 -12.97
C ALA B 98 -4.53 -4.81 -13.50
N ASN B 99 -4.98 -3.56 -13.56
CA ASN B 99 -6.22 -3.26 -14.27
C ASN B 99 -5.98 -3.03 -15.75
N GLN B 100 -4.82 -2.48 -16.10
CA GLN B 100 -4.41 -2.30 -17.48
C GLN B 100 -2.94 -2.59 -17.60
N ILE B 101 -2.55 -3.21 -18.72
CA ILE B 101 -1.15 -3.42 -19.11
C ILE B 101 -1.07 -3.14 -20.59
N ASP B 102 -0.11 -2.29 -21.02
CA ASP B 102 0.01 -2.06 -22.45
C ASP B 102 1.12 -2.92 -23.04
N ARG B 103 1.34 -2.74 -24.35
CA ARG B 103 2.23 -3.60 -25.12
C ARG B 103 3.68 -3.53 -24.67
N HIS B 104 4.07 -2.44 -24.02
CA HIS B 104 5.44 -2.28 -23.52
C HIS B 104 5.53 -2.47 -22.01
N GLY B 105 4.44 -2.89 -21.37
CA GLY B 105 4.49 -3.19 -19.96
C GLY B 105 4.15 -2.04 -19.04
N ASN B 106 3.77 -0.89 -19.57
CA ASN B 106 3.18 0.11 -18.70
C ASN B 106 1.94 -0.49 -18.05
N GLN B 107 1.76 -0.21 -16.77
CA GLN B 107 0.73 -0.88 -15.99
C GLN B 107 -0.03 0.16 -15.18
N ASN B 108 -1.33 -0.11 -14.96
CA ASN B 108 -2.21 0.75 -14.19
C ASN B 108 -2.95 -0.08 -13.15
N LEU B 109 -2.78 0.27 -11.87
CA LEU B 109 -3.71 -0.15 -10.82
C LEU B 109 -4.22 1.02 -9.99
N SER B 110 -4.05 2.26 -10.47
CA SER B 110 -4.36 3.44 -9.68
C SER B 110 -5.83 3.83 -9.77
N ALA B 111 -6.29 4.14 -10.98
CA ALA B 111 -7.62 4.66 -11.26
C ALA B 111 -7.80 4.72 -12.76
N PHE B 112 -9.05 4.85 -13.20
CA PHE B 112 -9.39 5.06 -14.60
C PHE B 112 -9.77 6.51 -14.82
N GLY B 113 -9.41 7.05 -15.98
CA GLY B 113 -9.82 8.40 -16.35
C GLY B 113 -8.77 9.45 -16.01
N PRO B 114 -9.17 10.72 -16.03
CA PRO B 114 -8.22 11.82 -15.79
C PRO B 114 -7.58 11.76 -14.40
N LEU B 115 -6.31 12.14 -14.33
CA LEU B 115 -5.55 11.98 -13.09
C LEU B 115 -6.18 12.74 -11.93
N GLN B 116 -6.69 13.95 -12.17
CA GLN B 116 -7.24 14.76 -11.09
C GLN B 116 -8.76 14.65 -10.98
N GLN B 117 -9.40 13.89 -11.86
CA GLN B 117 -10.84 13.59 -11.74
C GLN B 117 -11.12 12.28 -12.44
N PRO B 118 -10.74 11.16 -11.83
CA PRO B 118 -10.94 9.86 -12.46
C PRO B 118 -12.42 9.51 -12.60
N THR B 119 -12.68 8.56 -13.49
CA THR B 119 -14.01 8.01 -13.63
C THR B 119 -14.24 6.83 -12.70
N ARG B 120 -13.18 6.22 -12.19
CA ARG B 120 -13.29 5.11 -11.26
C ARG B 120 -12.01 5.09 -10.44
N GLN B 121 -12.16 5.02 -9.11
CA GLN B 121 -11.02 5.11 -8.20
C GLN B 121 -10.68 3.74 -7.66
N MET B 122 -9.39 3.36 -7.73
CA MET B 122 -8.95 2.17 -7.00
C MET B 122 -8.04 2.61 -5.85
N PHE B 123 -6.97 1.86 -5.57
CA PHE B 123 -6.17 2.22 -4.39
C PHE B 123 -5.18 3.35 -4.62
N GLY B 124 -4.96 3.78 -5.86
CA GLY B 124 -3.82 4.63 -6.17
C GLY B 124 -2.61 3.80 -6.55
N VAL B 125 -1.47 4.49 -6.80
CA VAL B 125 -0.31 3.81 -7.39
C VAL B 125 0.34 2.81 -6.43
N ARG B 126 0.09 2.91 -5.12
CA ARG B 126 0.67 1.99 -4.12
C ARG B 126 2.19 1.96 -4.28
N GLY B 127 2.81 0.79 -4.33
CA GLY B 127 4.24 0.67 -4.54
C GLY B 127 4.63 0.37 -5.97
N ALA B 128 3.69 0.42 -6.92
CA ALA B 128 4.03 0.05 -8.28
C ALA B 128 5.16 0.88 -8.88
N PRO B 129 5.22 2.21 -8.69
CA PRO B 129 6.35 2.95 -9.29
C PRO B 129 7.70 2.55 -8.70
N GLY B 130 7.80 2.46 -7.37
CA GLY B 130 9.05 2.03 -6.77
C GLY B 130 9.40 0.59 -7.10
N ASN B 131 8.41 -0.29 -7.17
CA ASN B 131 8.68 -1.69 -7.50
C ASN B 131 9.28 -1.80 -8.89
N THR B 132 8.62 -1.20 -9.87
CA THR B 132 9.03 -1.36 -11.26
C THR B 132 10.34 -0.66 -11.58
N ILE B 133 10.71 0.39 -10.83
CA ILE B 133 11.99 1.03 -11.09
C ILE B 133 13.14 0.34 -10.34
N ASN B 134 12.85 -0.49 -9.34
CA ASN B 134 13.93 -1.02 -8.50
C ASN B 134 14.26 -2.49 -8.70
N HIS B 135 13.32 -3.35 -9.10
CA HIS B 135 13.60 -4.77 -9.02
C HIS B 135 12.65 -5.53 -9.92
N PRO B 136 12.93 -6.82 -10.18
CA PRO B 136 12.04 -7.62 -11.03
C PRO B 136 10.60 -7.51 -10.59
N THR B 137 9.73 -7.36 -11.57
CA THR B 137 8.31 -7.19 -11.37
C THR B 137 7.60 -8.08 -12.38
N SER B 138 6.64 -8.86 -11.90
CA SER B 138 5.79 -9.66 -12.76
C SER B 138 4.33 -9.32 -12.47
N TYR B 139 3.46 -9.70 -13.39
CA TYR B 139 2.05 -9.39 -13.26
C TYR B 139 1.22 -10.66 -13.39
N TRP B 140 0.11 -10.68 -12.64
CA TRP B 140 -0.87 -11.76 -12.69
C TRP B 140 -2.21 -11.17 -13.12
N VAL B 141 -2.85 -11.80 -14.09
CA VAL B 141 -4.14 -11.35 -14.61
C VAL B 141 -5.05 -12.58 -14.66
N GLY B 142 -6.05 -12.64 -13.78
CA GLY B 142 -6.91 -13.82 -13.71
C GLY B 142 -7.95 -13.89 -14.81
N LYS B 143 -8.23 -12.78 -15.48
CA LYS B 143 -9.19 -12.73 -16.58
C LYS B 143 -8.58 -11.87 -17.69
N HIS B 144 -7.93 -12.55 -18.64
CA HIS B 144 -7.23 -11.93 -19.76
C HIS B 144 -8.25 -11.37 -20.74
N THR B 145 -8.30 -10.04 -20.88
CA THR B 145 -9.25 -9.37 -21.77
C THR B 145 -8.58 -8.21 -22.50
N SER B 146 -9.25 -7.74 -23.56
CA SER B 146 -8.77 -6.57 -24.28
C SER B 146 -8.89 -5.30 -23.45
N ARG B 147 -9.72 -5.31 -22.41
CA ARG B 147 -9.76 -4.16 -21.51
C ARG B 147 -8.53 -4.11 -20.63
N VAL B 148 -8.03 -5.26 -20.20
CA VAL B 148 -6.78 -5.27 -19.44
C VAL B 148 -5.61 -4.99 -20.36
N PHE B 149 -5.48 -5.75 -21.44
CA PHE B 149 -4.34 -5.61 -22.35
C PHE B 149 -4.75 -4.64 -23.43
N CYS B 150 -4.50 -3.36 -23.19
CA CYS B 150 -5.00 -2.26 -24.01
C CYS B 150 -3.84 -1.46 -24.60
N ASP B 151 -4.15 -0.65 -25.60
CA ASP B 151 -3.10 0.10 -26.28
C ASP B 151 -2.47 1.13 -25.37
N THR B 152 -3.27 1.80 -24.54
CA THR B 152 -2.79 2.88 -23.68
C THR B 152 -3.41 2.72 -22.30
N VAL B 153 -2.58 2.73 -21.25
CA VAL B 153 -3.13 2.69 -19.89
C VAL B 153 -3.49 4.10 -19.47
N ASP B 154 -4.48 4.22 -18.57
CA ASP B 154 -4.96 5.55 -18.20
C ASP B 154 -3.94 6.28 -17.34
N ILE B 155 -3.30 5.55 -16.43
CA ILE B 155 -2.36 6.10 -15.46
C ILE B 155 -1.20 5.12 -15.36
N VAL B 156 0.02 5.61 -15.58
CA VAL B 156 1.18 4.71 -15.52
C VAL B 156 1.60 4.57 -14.06
N SER B 157 1.09 3.54 -13.38
CA SER B 157 1.58 3.25 -12.03
C SER B 157 2.79 2.31 -12.06
N GLY B 158 2.85 1.38 -13.01
CA GLY B 158 4.00 0.53 -13.24
C GLY B 158 4.73 0.94 -14.51
N VAL B 159 6.05 1.09 -14.40
CA VAL B 159 6.88 1.65 -15.46
C VAL B 159 7.08 0.59 -16.54
N GLY B 160 6.75 0.96 -17.79
CA GLY B 160 6.99 0.10 -18.94
C GLY B 160 8.32 0.41 -19.63
N TYR B 161 8.64 -0.43 -20.61
CA TYR B 161 9.96 -0.37 -21.24
C TYR B 161 10.15 0.90 -22.06
N ASP B 162 9.07 1.51 -22.55
CA ASP B 162 9.29 2.71 -23.36
C ASP B 162 9.46 3.96 -22.51
N GLN B 163 9.49 3.83 -21.18
CA GLN B 163 9.81 4.96 -20.31
C GLN B 163 11.29 5.07 -20.01
N ILE B 164 12.09 4.07 -20.38
CA ILE B 164 13.47 3.98 -19.91
C ILE B 164 14.33 5.01 -20.64
N ASP B 165 15.13 5.75 -19.88
CA ASP B 165 16.13 6.63 -20.47
C ASP B 165 17.46 5.88 -20.44
N PRO B 166 17.99 5.47 -21.58
CA PRO B 166 19.22 4.66 -21.56
C PRO B 166 20.45 5.44 -21.12
N GLU B 167 20.38 6.77 -21.13
CA GLU B 167 21.51 7.60 -20.69
C GLU B 167 21.55 7.78 -19.19
N ASN B 168 20.49 7.41 -18.47
CA ASN B 168 20.39 7.67 -17.05
C ASN B 168 20.43 6.36 -16.28
N PRO B 169 21.53 6.05 -15.60
CA PRO B 169 21.64 4.75 -14.90
C PRO B 169 20.66 4.56 -13.79
N ALA B 170 19.91 5.60 -13.40
CA ALA B 170 18.85 5.40 -12.41
C ALA B 170 17.82 4.39 -12.87
N TYR B 171 17.74 4.14 -14.18
CA TYR B 171 16.78 3.22 -14.78
C TYR B 171 17.32 1.81 -14.95
N ARG B 172 18.54 1.52 -14.48
CA ARG B 172 19.19 0.28 -14.89
C ARG B 172 18.64 -0.97 -14.20
N PHE B 173 17.79 -0.83 -13.17
CA PHE B 173 17.29 -2.01 -12.47
C PHE B 173 15.91 -2.43 -12.96
N HIS B 174 15.32 -1.67 -13.87
CA HIS B 174 14.01 -2.02 -14.40
C HIS B 174 14.06 -3.37 -15.11
N HIS B 175 13.09 -4.23 -14.80
CA HIS B 175 13.00 -5.54 -15.42
C HIS B 175 11.64 -6.17 -15.17
N LEU B 176 10.79 -6.21 -16.19
CA LEU B 176 9.49 -6.86 -16.09
C LEU B 176 9.66 -8.31 -16.54
N HIS B 177 9.49 -9.25 -15.61
CA HIS B 177 9.90 -10.62 -15.90
C HIS B 177 8.85 -11.42 -16.65
N ARG B 178 7.63 -11.52 -16.10
CA ARG B 178 6.59 -12.33 -16.70
C ARG B 178 5.23 -11.67 -16.52
N VAL B 179 4.31 -12.00 -17.42
CA VAL B 179 2.89 -11.81 -17.19
C VAL B 179 2.26 -13.20 -17.28
N VAL B 180 1.66 -13.66 -16.20
CA VAL B 180 0.91 -14.91 -16.21
C VAL B 180 -0.58 -14.56 -16.17
N SER B 181 -1.35 -15.12 -17.08
CA SER B 181 -2.79 -14.94 -17.10
C SER B 181 -3.46 -16.29 -17.11
N ASN B 182 -4.80 -16.27 -17.07
CA ASN B 182 -5.57 -17.49 -17.23
C ASN B 182 -5.45 -18.10 -18.61
N LEU B 183 -4.82 -17.40 -19.57
CA LEU B 183 -4.63 -17.94 -20.91
C LEU B 183 -3.21 -18.43 -21.19
N GLY B 184 -2.19 -17.86 -20.55
CA GLY B 184 -0.85 -18.36 -20.79
C GLY B 184 0.22 -17.60 -20.03
N VAL B 185 1.45 -17.72 -20.54
CA VAL B 185 2.63 -17.10 -19.96
C VAL B 185 3.23 -16.16 -20.99
N PHE B 186 3.53 -14.93 -20.58
CA PHE B 186 4.01 -13.92 -21.49
C PHE B 186 5.19 -13.19 -20.86
N ASP B 187 5.98 -12.52 -21.70
CA ASP B 187 6.96 -11.58 -21.20
C ASP B 187 6.97 -10.38 -22.14
N PHE B 188 7.95 -9.50 -21.97
CA PHE B 188 8.15 -8.36 -22.85
C PHE B 188 9.46 -8.50 -23.60
N GLY B 189 9.73 -9.71 -24.07
CA GLY B 189 10.90 -10.01 -24.88
C GLY B 189 10.66 -9.98 -26.36
N GLY B 190 9.49 -9.52 -26.81
CA GLY B 190 9.27 -9.31 -28.21
C GLY B 190 10.07 -8.12 -28.68
N PRO B 191 10.13 -7.91 -29.99
CA PRO B 191 10.91 -6.79 -30.53
C PRO B 191 10.46 -5.48 -29.91
N ASP B 192 11.45 -4.64 -29.57
CA ASP B 192 11.22 -3.35 -28.93
C ASP B 192 10.65 -3.54 -27.52
N HIS B 193 10.97 -4.67 -26.89
CA HIS B 193 10.43 -5.03 -25.57
C HIS B 193 8.91 -5.03 -25.57
N THR B 194 8.33 -5.76 -26.51
CA THR B 194 6.89 -5.86 -26.63
C THR B 194 6.38 -7.18 -26.08
N PHE B 195 5.12 -7.15 -25.64
CA PHE B 195 4.40 -8.30 -25.11
C PHE B 195 4.52 -9.50 -26.04
N ARG B 196 4.97 -10.63 -25.49
CA ARG B 196 5.34 -11.81 -26.27
C ARG B 196 4.83 -13.06 -25.59
N ALA B 197 4.28 -13.99 -26.38
CA ALA B 197 3.76 -15.24 -25.83
C ALA B 197 4.89 -16.23 -25.63
N LEU B 198 5.03 -16.74 -24.40
CA LEU B 198 5.95 -17.83 -24.11
C LEU B 198 5.29 -19.21 -24.12
N SER B 199 4.09 -19.33 -23.56
CA SER B 199 3.31 -20.56 -23.67
C SER B 199 1.84 -20.23 -23.52
N LEU B 200 1.00 -21.10 -24.07
CA LEU B 200 -0.44 -21.04 -23.85
C LEU B 200 -0.84 -22.26 -23.03
N HIS B 201 -1.72 -22.06 -22.05
CA HIS B 201 -2.13 -23.18 -21.22
C HIS B 201 -2.94 -24.17 -22.06
N PRO B 202 -2.89 -25.47 -21.72
CA PRO B 202 -3.63 -26.47 -22.50
C PRO B 202 -5.10 -26.10 -22.64
N GLY B 203 -5.61 -26.26 -23.86
CA GLY B 203 -6.97 -25.88 -24.16
C GLY B 203 -7.14 -24.46 -24.66
N VAL B 204 -6.12 -23.63 -24.53
CA VAL B 204 -6.17 -22.25 -25.01
C VAL B 204 -5.64 -22.19 -26.43
N THR B 205 -6.40 -21.57 -27.33
CA THR B 205 -5.95 -21.39 -28.70
C THR B 205 -5.32 -20.01 -28.89
N ALA B 206 -4.49 -19.91 -29.94
CA ALA B 206 -3.92 -18.62 -30.30
C ALA B 206 -5.00 -17.59 -30.59
N ASP B 207 -6.07 -18.00 -31.29
CA ASP B 207 -7.14 -17.07 -31.61
C ASP B 207 -7.80 -16.53 -30.34
N GLN B 208 -7.93 -17.36 -29.31
CA GLN B 208 -8.52 -16.92 -28.06
C GLN B 208 -7.66 -15.84 -27.41
N VAL B 209 -6.33 -16.01 -27.44
CA VAL B 209 -5.44 -14.96 -26.93
C VAL B 209 -5.56 -13.72 -27.79
N ALA B 210 -5.50 -13.88 -29.12
CA ALA B 210 -5.56 -12.72 -30.01
C ALA B 210 -6.87 -11.96 -29.85
N ASP B 211 -7.99 -12.69 -29.70
CA ASP B 211 -9.28 -12.03 -29.57
C ASP B 211 -9.41 -11.28 -28.25
N ASN B 212 -8.56 -11.60 -27.26
CA ASN B 212 -8.66 -11.01 -25.93
C ASN B 212 -7.46 -10.13 -25.60
N THR B 213 -6.73 -9.67 -26.61
CA THR B 213 -5.61 -8.75 -26.44
C THR B 213 -5.77 -7.65 -27.47
N SER B 214 -5.66 -6.38 -27.04
CA SER B 214 -5.94 -5.28 -27.95
C SER B 214 -4.88 -5.14 -29.04
N PHE B 215 -3.65 -5.51 -28.74
CA PHE B 215 -2.51 -5.35 -29.63
C PHE B 215 -2.01 -6.72 -30.06
N GLU B 216 -1.06 -6.71 -31.01
CA GLU B 216 -0.48 -7.97 -31.48
C GLU B 216 0.43 -8.57 -30.41
N VAL B 217 0.33 -9.88 -30.24
CA VAL B 217 1.15 -10.62 -29.30
C VAL B 217 2.30 -11.25 -30.07
N ALA B 218 3.53 -10.85 -29.74
CA ALA B 218 4.68 -11.38 -30.45
C ALA B 218 4.79 -12.88 -30.24
N GLY B 219 5.09 -13.60 -31.33
CA GLY B 219 5.35 -15.03 -31.24
C GLY B 219 4.16 -15.89 -30.94
N LEU B 220 2.94 -15.37 -31.05
CA LEU B 220 1.76 -16.10 -30.63
C LEU B 220 1.56 -17.37 -31.46
N ALA B 221 1.79 -17.27 -32.77
CA ALA B 221 1.55 -18.42 -33.64
C ALA B 221 2.48 -19.58 -33.33
N ASP B 222 3.65 -19.29 -32.76
CA ASP B 222 4.66 -20.32 -32.50
C ASP B 222 4.72 -20.73 -31.03
N ALA B 223 3.93 -20.11 -30.15
CA ALA B 223 4.05 -20.43 -28.74
C ALA B 223 3.57 -21.84 -28.45
N GLY B 224 4.35 -22.57 -27.66
CA GLY B 224 3.99 -23.91 -27.27
C GLY B 224 2.99 -23.91 -26.12
N VAL B 225 2.80 -25.09 -25.55
CA VAL B 225 1.86 -25.30 -24.47
C VAL B 225 2.60 -25.28 -23.15
N THR B 226 1.98 -24.69 -22.13
CA THR B 226 2.55 -24.69 -20.79
C THR B 226 2.85 -26.11 -20.34
N ARG B 227 3.97 -26.26 -19.64
CA ARG B 227 4.43 -27.58 -19.22
C ARG B 227 3.43 -28.24 -18.28
N GLU B 228 3.54 -29.55 -18.17
CA GLU B 228 2.79 -30.26 -17.16
C GLU B 228 3.39 -29.99 -15.77
N PRO B 229 2.57 -29.87 -14.74
CA PRO B 229 3.10 -29.91 -13.37
C PRO B 229 3.70 -31.28 -13.09
N THR B 230 4.71 -31.31 -12.24
CA THR B 230 5.20 -32.61 -11.78
C THR B 230 4.22 -33.18 -10.78
N ASP B 231 4.32 -34.49 -10.55
CA ASP B 231 3.49 -35.11 -9.52
C ASP B 231 3.72 -34.45 -8.17
N GLU B 232 4.97 -34.09 -7.89
CA GLU B 232 5.30 -33.40 -6.65
C GLU B 232 4.62 -32.03 -6.58
N GLU B 233 4.63 -31.29 -7.68
CA GLU B 233 3.96 -29.99 -7.69
C GLU B 233 2.46 -30.16 -7.45
N LEU B 234 1.84 -31.16 -8.10
CA LEU B 234 0.43 -31.40 -7.89
C LEU B 234 0.12 -31.78 -6.45
N ARG B 235 0.98 -32.62 -5.83
CA ARG B 235 0.79 -32.94 -4.42
C ARG B 235 0.88 -31.68 -3.56
N LEU B 236 1.89 -30.84 -3.83
CA LEU B 236 2.06 -29.65 -3.00
C LEU B 236 0.89 -28.69 -3.16
N ILE B 237 0.41 -28.49 -4.40
CA ILE B 237 -0.72 -27.60 -4.61
C ILE B 237 -1.96 -28.15 -3.93
N ARG B 238 -2.25 -29.43 -4.16
CA ARG B 238 -3.53 -29.99 -3.78
C ARG B 238 -3.59 -30.40 -2.32
N GLU B 239 -2.48 -30.82 -1.73
CA GLU B 239 -2.49 -31.31 -0.35
C GLU B 239 -1.93 -30.32 0.65
N VAL B 240 -0.93 -29.54 0.27
CA VAL B 240 -0.18 -28.73 1.22
C VAL B 240 -0.57 -27.27 1.15
N LEU B 241 -0.55 -26.67 -0.05
CA LEU B 241 -0.67 -25.23 -0.15
C LEU B 241 -2.12 -24.75 -0.31
N ASP B 242 -2.92 -25.42 -1.12
CA ASP B 242 -4.27 -24.92 -1.43
C ASP B 242 -5.28 -26.07 -1.38
N PRO B 243 -5.41 -26.73 -0.21
CA PRO B 243 -6.39 -27.83 -0.12
C PRO B 243 -7.82 -27.37 -0.29
N ARG B 244 -8.12 -26.09 -0.07
CA ARG B 244 -9.50 -25.61 -0.13
C ARG B 244 -9.87 -25.04 -1.49
N SER B 245 -9.05 -25.24 -2.52
CA SER B 245 -9.39 -24.83 -3.89
C SER B 245 -9.59 -23.31 -4.01
N LEU B 246 -8.86 -22.54 -3.21
CA LEU B 246 -8.98 -21.10 -3.34
C LEU B 246 -8.48 -20.61 -4.69
N ARG B 247 -7.56 -21.38 -5.32
CA ARG B 247 -7.02 -20.98 -6.63
C ARG B 247 -8.12 -20.87 -7.67
N ASP B 248 -9.14 -21.74 -7.60
CA ASP B 248 -10.13 -21.79 -8.66
C ASP B 248 -11.00 -20.54 -8.69
N ARG B 249 -11.08 -19.82 -7.56
CA ARG B 249 -11.93 -18.64 -7.48
C ARG B 249 -11.36 -17.47 -8.25
N GLU B 250 -10.06 -17.46 -8.51
CA GLU B 250 -9.39 -16.32 -9.12
C GLU B 250 -8.95 -16.57 -10.56
N VAL B 251 -9.30 -17.70 -11.14
CA VAL B 251 -8.93 -18.04 -12.50
C VAL B 251 -10.20 -18.16 -13.32
N SER B 252 -10.32 -17.34 -14.36
CA SER B 252 -11.47 -17.39 -15.26
C SER B 252 -11.24 -18.45 -16.33
N VAL B 253 -12.27 -19.27 -16.55
CA VAL B 253 -12.27 -20.45 -17.42
C VAL B 253 -10.93 -21.18 -17.44
S SO4 C . -4.25 22.45 -7.98
O1 SO4 C . -5.45 21.76 -8.42
O2 SO4 C . -4.50 23.89 -8.00
O3 SO4 C . -3.13 22.13 -8.87
O4 SO4 C . -3.90 22.05 -6.62
S SO4 D . -2.87 13.04 38.22
O1 SO4 D . -3.95 13.05 37.25
O2 SO4 D . -3.43 13.14 39.57
O3 SO4 D . -2.10 11.80 38.10
O4 SO4 D . -1.98 14.18 37.98
C1 GOL E . -20.30 15.43 9.99
O1 GOL E . -18.96 15.59 10.43
C2 GOL E . -20.27 15.39 8.45
O2 GOL E . -19.79 16.60 7.91
C3 GOL E . -19.34 14.16 8.10
O3 GOL E . -19.57 13.82 6.76
S SO4 F . -16.36 -10.36 10.27
O1 SO4 F . -16.88 -11.70 10.04
O2 SO4 F . -17.42 -9.50 10.76
O3 SO4 F . -15.83 -9.82 9.02
O4 SO4 F . -15.29 -10.42 11.27
S SO4 G . 13.16 15.90 -15.39
O1 SO4 G . 12.99 16.47 -16.72
O2 SO4 G . 12.37 16.66 -14.42
O3 SO4 G . 12.74 14.51 -15.41
O4 SO4 G . 14.58 15.98 -15.01
C1 GOL H . -24.70 11.16 0.89
O1 GOL H . -24.19 12.40 1.31
C2 GOL H . -23.84 10.65 -0.30
O2 GOL H . -24.41 9.55 -0.91
C3 GOL H . -23.71 11.85 -1.25
O3 GOL H . -22.93 11.44 -2.32
C1 GOL I . 4.12 21.22 2.42
O1 GOL I . 2.77 21.28 2.75
C2 GOL I . 4.49 19.73 2.28
O2 GOL I . 3.38 18.93 2.14
C3 GOL I . 5.42 19.64 1.04
O3 GOL I . 5.15 20.74 0.23
C1 GOL J . 7.83 14.53 36.71
O1 GOL J . 8.37 15.74 36.33
C2 GOL J . 6.29 14.66 36.68
O2 GOL J . 5.87 15.81 36.02
C3 GOL J . 5.86 14.66 38.15
O3 GOL J . 4.49 14.54 38.15
S SO4 K . 15.76 -6.23 -19.19
O1 SO4 K . 15.88 -4.77 -19.23
O2 SO4 K . 14.35 -6.60 -19.08
O3 SO4 K . 16.48 -6.73 -18.02
O4 SO4 K . 16.32 -6.81 -20.40
S SO4 L . 14.99 -14.72 -25.70
O1 SO4 L . 14.38 -14.65 -27.03
O2 SO4 L . 14.55 -13.59 -24.90
O3 SO4 L . 14.60 -15.97 -25.06
O4 SO4 L . 16.44 -14.67 -25.84
S SO4 M . 25.14 -2.20 -10.28
O1 SO4 M . 24.23 -2.17 -11.42
O2 SO4 M . 24.50 -2.87 -9.15
O3 SO4 M . 26.35 -2.93 -10.66
O4 SO4 M . 25.50 -0.85 -9.89
S SO4 N . 21.61 -15.29 -4.80
O1 SO4 N . 21.89 -14.74 -6.11
O2 SO4 N . 20.31 -14.80 -4.33
O3 SO4 N . 21.57 -16.75 -4.87
O4 SO4 N . 22.65 -14.89 -3.86
S SO4 O . -10.92 -3.98 -9.36
O1 SO4 O . -11.29 -3.95 -10.77
O2 SO4 O . -11.60 -2.90 -8.65
O3 SO4 O . -11.31 -5.27 -8.79
O4 SO4 O . -9.47 -3.82 -9.23
S SO4 P . 6.79 -36.23 -12.63
O1 SO4 P . 5.75 -35.55 -13.38
O2 SO4 P . 6.40 -36.34 -11.23
O3 SO4 P . 6.98 -37.58 -13.18
O4 SO4 P . 8.05 -35.50 -12.72
S SO4 Q . 13.72 3.11 9.52
O1 SO4 Q . 12.48 2.60 8.94
O2 SO4 Q . 13.47 4.41 10.15
O3 SO4 Q . 14.23 2.17 10.52
O4 SO4 Q . 14.70 3.27 8.45
C1 GOL R . 2.60 5.88 -21.82
O1 GOL R . 3.89 5.82 -22.33
C2 GOL R . 1.79 4.81 -22.59
O2 GOL R . 1.21 5.33 -23.73
C3 GOL R . 0.75 4.30 -21.58
O3 GOL R . 0.15 3.20 -22.15
C1 GOL S . -6.97 3.36 -26.29
O1 GOL S . -5.84 4.13 -26.62
C2 GOL S . -6.44 1.97 -25.89
O2 GOL S . -6.06 1.94 -24.59
C3 GOL S . -7.56 0.96 -26.21
O3 GOL S . -6.98 -0.32 -26.31
#